data_8EPC
#
_entry.id   8EPC
#
_cell.length_a   67.975
_cell.length_b   67.975
_cell.length_c   109.820
_cell.angle_alpha   90.000
_cell.angle_beta   90.000
_cell.angle_gamma   120.000
#
_symmetry.space_group_name_H-M   'P 31 2 1'
#
loop_
_entity.id
_entity.type
_entity.pdbx_description
1 polymer 'Coagulation factor IXa light chain'
2 polymer 'Coagulation factor IXa heavy chain'
3 non-polymer 'CALCIUM ION'
4 water water
#
loop_
_entity_poly.entity_id
_entity_poly.type
_entity_poly.pdbx_seq_one_letter_code
_entity_poly.pdbx_strand_id
1 'polypeptide(L)' LDVTCNIKNGRCEQFCKNSADNKVVCSCTEGYRLAENQKSCEPAVPFPCGRVSVSQTSKLTRRKR A
2 'polypeptide(L)'
;VVGGEDAKPGQFPWQVVLNGKVDAFCGGSIVNEKWIVTAAHCVETGVKITVVAGEHNIEETEHTEQKRNVIRIIPHHNYN
AAINKYNHDIALLELDEPLVLNSYVTPICIADKEYTNIFLKFGSGYVSGWGRVFHKGRSALVLQYLRVPLVDRATCLRST
KFTIYNNMFCAGFHEGGRDSCQGDAGGPHVTEVEGTSFLTGIISWGEECAMKGKYGIYTKVSRYVNWIKEKTKLT
;
B
#
loop_
_chem_comp.id
_chem_comp.type
_chem_comp.name
_chem_comp.formula
CA non-polymer 'CALCIUM ION' 'Ca 2'
#
# COMPACT_ATOMS: atom_id res chain seq x y z
N VAL A 3 -7.46 -24.72 -21.60
CA VAL A 3 -6.91 -23.95 -20.44
C VAL A 3 -8.05 -23.26 -19.66
N THR A 4 -7.84 -23.12 -18.35
CA THR A 4 -8.79 -22.48 -17.43
C THR A 4 -8.04 -21.62 -16.41
N CYS A 5 -8.78 -20.87 -15.60
CA CYS A 5 -8.21 -19.93 -14.64
C CYS A 5 -7.49 -20.60 -13.44
N ASN A 6 -7.91 -21.82 -13.09
CA ASN A 6 -7.34 -22.52 -11.93
C ASN A 6 -5.89 -22.99 -12.09
N ILE A 7 -5.40 -23.04 -13.34
CA ILE A 7 -3.99 -23.27 -13.64
C ILE A 7 -3.36 -21.98 -14.18
N LYS A 8 -2.24 -21.58 -13.56
CA LYS A 8 -1.43 -20.43 -13.98
C LYS A 8 -2.24 -19.14 -14.23
N ASN A 9 -3.34 -18.98 -13.48
CA ASN A 9 -4.26 -17.85 -13.64
C ASN A 9 -4.70 -17.68 -15.09
N GLY A 10 -4.92 -18.80 -15.78
CA GLY A 10 -5.22 -18.84 -17.21
C GLY A 10 -4.19 -18.13 -18.08
N ARG A 11 -2.95 -18.07 -17.60
CA ARG A 11 -1.80 -17.30 -18.18
C ARG A 11 -2.11 -15.80 -18.24
N CYS A 12 -3.13 -15.34 -17.52
CA CYS A 12 -3.47 -13.91 -17.46
C CYS A 12 -2.52 -13.21 -16.50
N GLU A 13 -2.01 -12.05 -16.92
CA GLU A 13 -1.03 -11.30 -16.17
C GLU A 13 -1.61 -10.77 -14.85
N GLN A 14 -2.84 -10.26 -14.90
CA GLN A 14 -3.54 -9.72 -13.74
C GLN A 14 -4.75 -10.57 -13.35
N PHE A 15 -5.88 -10.37 -14.04
CA PHE A 15 -7.15 -11.02 -13.69
C PHE A 15 -7.61 -12.01 -14.76
N CYS A 16 -8.19 -13.13 -14.30
CA CYS A 16 -8.70 -14.21 -15.13
C CYS A 16 -10.14 -14.49 -14.77
N LYS A 17 -10.96 -14.73 -15.80
CA LYS A 17 -12.36 -15.15 -15.63
C LYS A 17 -12.73 -16.17 -16.70
N ASN A 18 -13.54 -17.16 -16.31
CA ASN A 18 -13.99 -18.22 -17.19
C ASN A 18 -15.16 -17.73 -18.04
N SER A 19 -14.97 -17.75 -19.37
CA SER A 19 -16.04 -17.44 -20.32
C SER A 19 -17.04 -18.60 -20.34
N ALA A 20 -18.12 -18.42 -21.09
CA ALA A 20 -19.20 -19.41 -21.17
C ALA A 20 -18.96 -20.54 -22.18
N ASP A 21 -17.70 -20.69 -22.65
CA ASP A 21 -17.31 -21.69 -23.64
C ASP A 21 -15.98 -22.38 -23.30
N ASN A 22 -15.65 -22.45 -22.01
CA ASN A 22 -14.37 -22.99 -21.51
C ASN A 22 -13.15 -22.27 -22.10
N LYS A 23 -13.19 -20.93 -22.06
CA LYS A 23 -12.08 -20.10 -22.51
C LYS A 23 -11.82 -18.99 -21.49
N VAL A 24 -10.54 -18.66 -21.30
CA VAL A 24 -10.13 -17.61 -20.37
C VAL A 24 -10.39 -16.22 -20.97
N VAL A 25 -10.89 -15.32 -20.13
CA VAL A 25 -11.00 -13.90 -20.46
C VAL A 25 -10.10 -13.14 -19.49
N CYS A 26 -8.90 -12.82 -19.95
CA CYS A 26 -7.95 -12.03 -19.19
C CYS A 26 -8.42 -10.59 -19.10
N SER A 27 -8.01 -9.91 -18.02
CA SER A 27 -8.49 -8.57 -17.69
C SER A 27 -7.42 -7.86 -16.86
N CYS A 28 -7.52 -6.53 -16.79
CA CYS A 28 -6.57 -5.68 -16.08
C CYS A 28 -7.29 -4.66 -15.19
N THR A 29 -6.53 -4.01 -14.30
CA THR A 29 -7.03 -3.00 -13.37
C THR A 29 -7.09 -1.61 -14.03
N GLU A 30 -7.75 -0.66 -13.34
CA GLU A 30 -7.89 0.72 -13.81
C GLU A 30 -6.54 1.33 -14.21
N GLY A 31 -6.51 1.96 -15.39
CA GLY A 31 -5.31 2.57 -15.95
C GLY A 31 -4.57 1.70 -16.95
N TYR A 32 -4.93 0.41 -17.01
CA TYR A 32 -4.38 -0.59 -17.96
C TYR A 32 -5.46 -1.06 -18.93
N ARG A 33 -5.02 -1.61 -20.07
CA ARG A 33 -5.86 -2.30 -21.08
C ARG A 33 -5.22 -3.65 -21.40
N LEU A 34 -6.01 -4.60 -21.90
CA LEU A 34 -5.51 -5.91 -22.33
C LEU A 34 -4.65 -5.73 -23.59
N ALA A 35 -3.49 -6.38 -23.60
CA ALA A 35 -2.51 -6.28 -24.69
C ALA A 35 -2.94 -7.13 -25.88
N GLU A 36 -2.21 -6.96 -27.00
CA GLU A 36 -2.48 -7.67 -28.26
C GLU A 36 -2.46 -9.19 -28.13
N ASN A 37 -1.58 -9.69 -27.24
CA ASN A 37 -1.46 -11.13 -26.96
C ASN A 37 -2.62 -11.71 -26.12
N GLN A 38 -3.52 -10.83 -25.67
CA GLN A 38 -4.74 -11.19 -24.93
C GLN A 38 -4.47 -11.73 -23.52
N LYS A 39 -3.23 -11.58 -23.05
CA LYS A 39 -2.79 -12.06 -21.75
C LYS A 39 -2.24 -10.91 -20.91
N SER A 40 -1.28 -10.17 -21.46
CA SER A 40 -0.57 -9.12 -20.76
C SER A 40 -1.37 -7.82 -20.61
N CYS A 41 -0.91 -6.97 -19.69
CA CYS A 41 -1.52 -5.68 -19.39
C CYS A 41 -0.53 -4.56 -19.67
N GLU A 42 -0.99 -3.55 -20.43
CA GLU A 42 -0.16 -2.40 -20.80
C GLU A 42 -0.85 -1.08 -20.44
N PRO A 43 -0.08 0.01 -20.22
CA PRO A 43 -0.65 1.30 -19.84
C PRO A 43 -1.75 1.79 -20.80
N ALA A 44 -2.87 2.26 -20.24
CA ALA A 44 -3.94 2.93 -20.98
C ALA A 44 -4.00 4.44 -20.66
N VAL A 45 -3.13 4.88 -19.73
CA VAL A 45 -2.95 6.29 -19.38
C VAL A 45 -1.46 6.53 -19.17
N PRO A 46 -0.98 7.78 -19.17
CA PRO A 46 0.45 8.08 -19.04
C PRO A 46 1.13 7.40 -17.84
N PHE A 47 0.50 7.46 -16.66
CA PHE A 47 1.08 6.97 -15.42
C PHE A 47 0.11 6.05 -14.69
N PRO A 48 0.02 4.76 -15.08
CA PRO A 48 -0.90 3.81 -14.45
C PRO A 48 -0.41 3.41 -13.05
N CYS A 49 -1.32 2.94 -12.20
CA CYS A 49 -0.99 2.56 -10.83
C CYS A 49 0.07 1.47 -10.80
N GLY A 50 0.87 1.46 -9.73
CA GLY A 50 1.77 0.37 -9.41
C GLY A 50 2.90 0.06 -10.38
N ARG A 51 3.36 1.07 -11.14
CA ARG A 51 4.50 0.96 -12.08
C ARG A 51 5.63 1.90 -11.65
N VAL A 52 6.88 1.40 -11.73
CA VAL A 52 8.07 2.24 -11.67
C VAL A 52 8.35 2.73 -13.08
N SER A 53 8.58 4.05 -13.21
CA SER A 53 8.80 4.70 -14.50
C SER A 53 10.21 5.30 -14.60
N VAL A 54 11.16 4.71 -13.87
CA VAL A 54 12.54 5.18 -13.79
C VAL A 54 13.50 4.03 -13.52
N VAL B 1 12.29 1.26 9.15
CA VAL B 1 12.51 -0.15 8.72
C VAL B 1 13.90 -0.63 9.18
N VAL B 2 13.96 -1.86 9.68
CA VAL B 2 15.22 -2.48 10.12
C VAL B 2 15.61 -3.63 9.19
N GLY B 3 16.91 -3.74 8.93
CA GLY B 3 17.47 -4.80 8.11
C GLY B 3 17.04 -4.81 6.65
N GLY B 4 16.58 -3.65 6.15
CA GLY B 4 16.17 -3.49 4.76
C GLY B 4 17.31 -2.97 3.92
N GLU B 5 16.99 -2.07 2.98
CA GLU B 5 17.98 -1.37 2.16
C GLU B 5 17.40 -0.10 1.56
N ASP B 6 18.28 0.74 1.01
CA ASP B 6 17.91 2.05 0.46
C ASP B 6 17.08 1.89 -0.81
N ALA B 7 15.92 2.57 -0.84
CA ALA B 7 15.08 2.64 -2.03
C ALA B 7 15.75 3.52 -3.09
N LYS B 8 15.37 3.31 -4.35
CA LYS B 8 15.88 4.06 -5.49
C LYS B 8 14.87 5.16 -5.84
N PRO B 9 15.30 6.35 -6.32
CA PRO B 9 14.35 7.40 -6.69
C PRO B 9 13.24 6.89 -7.63
N GLY B 10 11.99 7.01 -7.20
CA GLY B 10 10.83 6.59 -7.96
C GLY B 10 10.58 5.09 -8.01
N GLN B 11 11.13 4.36 -7.02
CA GLN B 11 10.98 2.91 -6.91
C GLN B 11 9.66 2.53 -6.25
N PHE B 12 9.20 3.38 -5.32
CA PHE B 12 7.92 3.23 -4.63
C PHE B 12 7.13 4.53 -4.74
N PRO B 13 6.74 4.94 -5.97
CA PRO B 13 6.13 6.26 -6.17
C PRO B 13 4.74 6.42 -5.54
N TRP B 14 4.16 5.33 -5.03
CA TRP B 14 2.90 5.35 -4.26
C TRP B 14 3.11 5.68 -2.78
N GLN B 15 4.34 5.50 -2.30
CA GLN B 15 4.69 5.83 -0.92
C GLN B 15 4.50 7.32 -0.66
N VAL B 16 3.84 7.65 0.46
CA VAL B 16 3.83 9.00 1.01
C VAL B 16 4.25 8.94 2.47
N VAL B 17 4.56 10.11 3.04
CA VAL B 17 4.95 10.25 4.44
C VAL B 17 4.09 11.32 5.09
N LEU B 18 3.74 11.09 6.36
CA LEU B 18 2.91 12.00 7.15
C LEU B 18 3.78 12.84 8.08
N ASN B 19 3.58 14.17 8.03
CA ASN B 19 4.26 15.12 8.90
C ASN B 19 3.25 15.84 9.77
N GLY B 20 3.53 15.92 11.08
CA GLY B 20 2.71 16.64 12.04
C GLY B 20 3.59 17.61 12.81
N LYS B 21 3.47 17.61 14.14
CA LYS B 21 4.37 18.35 15.02
C LYS B 21 5.81 17.86 14.83
N VAL B 22 5.94 16.54 14.61
CA VAL B 22 7.21 15.92 14.24
C VAL B 22 7.10 15.39 12.80
N ASP B 23 8.24 15.36 12.09
CA ASP B 23 8.31 14.88 10.72
C ASP B 23 8.37 13.35 10.67
N ALA B 24 7.73 12.77 9.65
CA ALA B 24 7.79 11.34 9.35
C ALA B 24 7.33 10.44 10.49
N PHE B 25 6.17 10.78 11.08
CA PHE B 25 5.61 10.03 12.21
C PHE B 25 4.84 8.81 11.76
N CYS B 26 4.41 8.80 10.48
CA CYS B 26 3.68 7.70 9.87
C CYS B 26 3.85 7.72 8.35
N GLY B 27 3.48 6.61 7.71
CA GLY B 27 3.46 6.49 6.26
C GLY B 27 2.05 6.31 5.75
N GLY B 28 1.91 6.26 4.42
CA GLY B 28 0.64 6.07 3.75
C GLY B 28 0.87 5.63 2.32
N SER B 29 -0.22 5.46 1.57
CA SER B 29 -0.15 5.08 0.15
C SER B 29 -1.14 5.87 -0.68
N ILE B 30 -0.75 6.19 -1.91
CA ILE B 30 -1.58 6.95 -2.83
C ILE B 30 -2.61 6.02 -3.45
N VAL B 31 -3.89 6.24 -3.11
CA VAL B 31 -5.01 5.54 -3.74
C VAL B 31 -5.31 6.20 -5.08
N ASN B 32 -5.41 7.54 -5.07
CA ASN B 32 -5.52 8.34 -6.28
C ASN B 32 -5.04 9.76 -6.01
N GLU B 33 -5.12 10.62 -7.02
CA GLU B 33 -4.58 11.99 -6.95
C GLU B 33 -5.03 12.79 -5.73
N LYS B 34 -6.24 12.52 -5.24
CA LYS B 34 -6.83 13.27 -4.13
C LYS B 34 -6.97 12.50 -2.81
N TRP B 35 -6.59 11.22 -2.82
CA TRP B 35 -6.81 10.32 -1.68
C TRP B 35 -5.60 9.48 -1.27
N ILE B 36 -5.43 9.35 0.05
CA ILE B 36 -4.37 8.57 0.67
C ILE B 36 -5.00 7.51 1.57
N VAL B 37 -4.37 6.34 1.67
CA VAL B 37 -4.72 5.32 2.64
C VAL B 37 -3.58 5.19 3.66
N THR B 38 -3.96 5.00 4.93
CA THR B 38 -3.04 4.93 6.05
C THR B 38 -3.72 4.19 7.20
N ALA B 39 -3.06 4.19 8.37
CA ALA B 39 -3.58 3.54 9.57
C ALA B 39 -4.36 4.56 10.38
N ALA B 40 -5.47 4.13 10.97
CA ALA B 40 -6.34 4.99 11.77
C ALA B 40 -5.63 5.58 13.00
N HIS B 41 -4.74 4.79 13.62
CA HIS B 41 -4.03 5.20 14.83
C HIS B 41 -2.99 6.30 14.56
N CYS B 42 -2.61 6.47 13.28
CA CYS B 42 -1.76 7.59 12.86
C CYS B 42 -2.54 8.91 12.89
N VAL B 43 -3.86 8.81 12.69
CA VAL B 43 -4.75 9.96 12.55
C VAL B 43 -5.89 9.90 13.56
N THR B 45 -6.57 11.79 15.96
CA THR B 45 -5.99 12.97 16.59
C THR B 45 -6.68 14.24 16.08
N GLY B 46 -6.73 14.38 14.75
CA GLY B 46 -7.36 15.50 14.08
C GLY B 46 -6.40 16.60 13.63
N VAL B 47 -5.35 16.84 14.42
CA VAL B 47 -4.37 17.92 14.19
C VAL B 47 -3.83 17.97 12.75
N LYS B 48 -3.25 19.12 12.40
CA LYS B 48 -2.78 19.41 11.04
C LYS B 48 -1.75 18.38 10.54
N ILE B 49 -2.18 17.57 9.57
CA ILE B 49 -1.31 16.58 8.91
C ILE B 49 -0.85 17.12 7.56
N THR B 50 0.43 16.89 7.24
CA THR B 50 1.01 17.24 5.95
C THR B 50 1.49 15.96 5.25
N VAL B 51 0.84 15.61 4.14
CA VAL B 51 1.23 14.48 3.30
C VAL B 51 2.27 14.97 2.30
N VAL B 52 3.35 14.19 2.13
CA VAL B 52 4.41 14.49 1.18
C VAL B 52 4.63 13.30 0.24
N ALA B 53 4.32 13.51 -1.05
CA ALA B 53 4.52 12.51 -2.10
C ALA B 53 5.79 12.83 -2.87
N GLY B 54 6.28 11.84 -3.63
CA GLY B 54 7.51 11.96 -4.39
C GLY B 54 8.73 12.17 -3.52
N GLU B 55 8.64 11.73 -2.27
CA GLU B 55 9.68 11.88 -1.27
C GLU B 55 10.65 10.70 -1.38
N HIS B 56 11.95 11.00 -1.26
CA HIS B 56 13.02 10.01 -1.33
C HIS B 56 13.91 10.18 -0.09
N ASN B 57 14.57 11.34 -0.01
CA ASN B 57 15.34 11.76 1.15
C ASN B 57 14.67 13.00 1.71
N ILE B 58 14.25 12.92 2.99
CA ILE B 58 13.51 14.01 3.63
C ILE B 58 14.40 15.20 4.00
N GLU B 59 15.73 15.00 3.94
CA GLU B 59 16.71 16.05 4.18
C GLU B 59 17.01 16.89 2.93
N GLU B 60 16.90 16.29 1.75
CA GLU B 60 17.26 16.95 0.48
C GLU B 60 16.04 17.33 -0.35
N THR B 61 16.15 18.45 -1.08
CA THR B 61 15.12 18.94 -1.98
C THR B 61 15.41 18.42 -3.39
N GLU B 62 14.77 17.30 -3.75
CA GLU B 62 15.03 16.60 -5.01
C GLU B 62 14.15 17.06 -6.19
N HIS B 63 13.30 18.06 -5.95
CA HIS B 63 12.39 18.61 -6.96
C HIS B 63 11.39 17.58 -7.52
N THR B 64 11.10 16.55 -6.71
CA THR B 64 10.08 15.55 -7.03
C THR B 64 8.95 15.54 -5.99
N GLU B 65 9.14 16.31 -4.91
CA GLU B 65 8.22 16.29 -3.76
C GLU B 65 6.98 17.11 -4.03
N GLN B 66 5.85 16.67 -3.44
CA GLN B 66 4.57 17.37 -3.49
C GLN B 66 3.91 17.29 -2.11
N LYS B 67 3.97 18.40 -1.37
CA LYS B 67 3.32 18.53 -0.07
C LYS B 67 1.84 18.88 -0.26
N ARG B 68 0.98 18.32 0.60
CA ARG B 68 -0.49 18.55 0.58
C ARG B 68 -1.05 18.54 2.01
N ASN B 69 -2.08 19.35 2.26
CA ASN B 69 -2.81 19.36 3.53
C ASN B 69 -3.99 18.39 3.47
N VAL B 70 -4.28 17.75 4.61
CA VAL B 70 -5.44 16.87 4.76
C VAL B 70 -6.64 17.69 5.20
N ILE B 71 -7.71 17.65 4.40
CA ILE B 71 -8.95 18.39 4.67
C ILE B 71 -10.07 17.52 5.25
N ARG B 72 -9.97 16.21 5.04
CA ARG B 72 -10.97 15.21 5.54
C ARG B 72 -10.24 13.92 5.93
N ILE B 73 -10.56 13.38 7.10
CA ILE B 73 -10.04 12.10 7.58
C ILE B 73 -11.20 11.17 7.85
N ILE B 74 -11.25 10.05 7.11
CA ILE B 74 -12.28 9.03 7.28
C ILE B 74 -11.66 7.77 7.86
N PRO B 75 -11.62 7.61 9.20
CA PRO B 75 -11.24 6.34 9.81
C PRO B 75 -12.37 5.33 9.61
N HIS B 76 -12.04 4.06 9.40
CA HIS B 76 -13.04 3.02 9.17
C HIS B 76 -14.08 3.05 10.28
N HIS B 77 -15.36 2.92 9.89
CA HIS B 77 -16.50 3.04 10.82
C HIS B 77 -16.41 2.14 12.06
N ASN B 78 -15.76 0.97 11.92
CA ASN B 78 -15.59 0.03 13.01
C ASN B 78 -14.35 0.27 13.88
N TYR B 79 -13.49 1.21 13.49
CA TYR B 79 -12.27 1.57 14.26
C TYR B 79 -12.67 2.26 15.56
N ASN B 80 -12.07 1.81 16.68
CA ASN B 80 -12.30 2.39 17.99
C ASN B 80 -10.99 2.39 18.79
N ALA B 81 -10.42 3.59 18.96
CA ALA B 81 -9.17 3.79 19.67
C ALA B 81 -9.26 3.20 21.09
N ALA B 82 -10.34 3.56 21.80
CA ALA B 82 -10.76 2.86 23.01
C ALA B 82 -11.24 1.47 22.57
N ILE B 83 -10.88 0.44 23.35
CA ILE B 83 -11.04 -0.99 23.04
C ILE B 83 -9.70 -1.56 22.54
N ASN B 84 -9.55 -1.68 21.20
CA ASN B 84 -8.41 -2.37 20.60
C ASN B 84 -7.28 -1.43 20.24
N LYS B 85 -7.61 -0.42 19.42
CA LYS B 85 -6.66 0.59 18.94
C LYS B 85 -5.99 0.19 17.62
N TYR B 86 -5.71 -1.11 17.46
CA TYR B 86 -4.90 -1.70 16.35
C TYR B 86 -5.74 -2.65 15.49
N ASN B 87 -7.06 -2.73 15.74
CA ASN B 87 -8.00 -3.47 14.90
C ASN B 87 -8.79 -2.51 14.03
N HIS B 88 -9.19 -2.97 12.84
CA HIS B 88 -9.79 -2.12 11.81
C HIS B 88 -8.93 -0.88 11.61
N ASP B 89 -7.61 -1.10 11.62
CA ASP B 89 -6.64 -0.02 11.71
C ASP B 89 -6.35 0.52 10.32
N ILE B 90 -7.30 1.31 9.81
CA ILE B 90 -7.24 1.86 8.46
C ILE B 90 -8.07 3.14 8.38
N ALA B 91 -7.52 4.13 7.67
CA ALA B 91 -8.14 5.43 7.48
C ALA B 91 -7.85 5.95 6.08
N LEU B 92 -8.63 6.95 5.66
CA LEU B 92 -8.46 7.61 4.38
C LEU B 92 -8.33 9.10 4.59
N LEU B 93 -7.43 9.73 3.83
CA LEU B 93 -7.17 11.16 3.92
C LEU B 93 -7.50 11.82 2.58
N GLU B 94 -8.35 12.84 2.62
CA GLU B 94 -8.64 13.67 1.46
C GLU B 94 -7.68 14.85 1.47
N LEU B 95 -6.95 15.03 0.36
CA LEU B 95 -5.97 16.11 0.21
C LEU B 95 -6.66 17.41 -0.20
N ASP B 96 -6.05 18.55 0.14
CA ASP B 96 -6.61 19.87 -0.18
C ASP B 96 -6.61 20.12 -1.68
N GLU B 97 -5.48 19.82 -2.34
CA GLU B 97 -5.32 19.97 -3.77
C GLU B 97 -4.86 18.63 -4.34
N PRO B 98 -5.34 18.22 -5.53
CA PRO B 98 -4.89 16.97 -6.15
C PRO B 98 -3.37 16.89 -6.32
N LEU B 99 -2.80 15.69 -6.17
CA LEU B 99 -1.43 15.41 -6.57
C LEU B 99 -1.37 15.40 -8.09
N VAL B 100 -0.22 15.82 -8.64
CA VAL B 100 0.03 15.74 -10.07
C VAL B 100 0.83 14.47 -10.32
N LEU B 101 0.16 13.46 -10.89
CA LEU B 101 0.76 12.16 -11.09
C LEU B 101 1.90 12.21 -12.11
N ASN B 102 2.98 11.47 -11.80
CA ASN B 102 4.16 11.34 -12.65
C ASN B 102 5.02 10.17 -12.17
N SER B 103 6.22 10.02 -12.74
CA SER B 103 7.14 8.91 -12.45
C SER B 103 7.47 8.69 -10.97
N TYR B 104 7.46 9.77 -10.19
CA TYR B 104 7.84 9.80 -8.75
C TYR B 104 6.58 9.82 -7.87
N VAL B 105 5.43 10.19 -8.44
CA VAL B 105 4.16 10.26 -7.73
C VAL B 105 3.08 9.48 -8.51
N THR B 106 2.87 8.22 -8.13
CA THR B 106 1.98 7.30 -8.85
C THR B 106 1.19 6.46 -7.85
N PRO B 107 -0.13 6.28 -8.05
CA PRO B 107 -0.93 5.50 -7.09
C PRO B 107 -0.56 4.01 -7.07
N ILE B 108 -0.99 3.31 -6.02
CA ILE B 108 -0.87 1.87 -5.91
C ILE B 108 -2.17 1.25 -6.42
N CYS B 109 -2.05 0.14 -7.17
CA CYS B 109 -3.20 -0.59 -7.66
C CYS B 109 -3.89 -1.31 -6.50
N ILE B 110 -5.23 -1.34 -6.55
CA ILE B 110 -6.05 -2.04 -5.59
C ILE B 110 -7.04 -2.90 -6.37
N ALA B 111 -6.82 -4.22 -6.33
CA ALA B 111 -7.69 -5.20 -6.97
C ALA B 111 -8.95 -5.37 -6.13
N ASP B 112 -9.87 -6.23 -6.61
CA ASP B 112 -11.06 -6.59 -5.84
C ASP B 112 -10.67 -7.42 -4.62
N LYS B 113 -11.66 -7.77 -3.79
CA LYS B 113 -11.47 -8.54 -2.58
C LYS B 113 -10.79 -9.89 -2.88
N GLU B 114 -11.26 -10.58 -3.92
CA GLU B 114 -10.78 -11.91 -4.27
C GLU B 114 -9.28 -11.92 -4.59
N TYR B 115 -8.86 -11.07 -5.53
CA TYR B 115 -7.49 -11.05 -6.09
C TYR B 115 -6.50 -10.40 -5.11
N THR B 116 -6.93 -9.40 -4.34
CA THR B 116 -6.10 -8.82 -3.28
C THR B 116 -5.59 -9.93 -2.35
N ASN B 117 -6.52 -10.82 -1.96
CA ASN B 117 -6.21 -11.97 -1.12
C ASN B 117 -5.31 -13.00 -1.83
N ILE B 118 -5.59 -13.26 -3.11
CA ILE B 118 -4.77 -14.14 -3.94
C ILE B 118 -3.34 -13.60 -4.03
N PHE B 119 -3.21 -12.28 -4.22
CA PHE B 119 -1.91 -11.63 -4.27
C PHE B 119 -1.18 -11.74 -2.92
N LEU B 120 -1.92 -11.58 -1.81
CA LEU B 120 -1.36 -11.74 -0.47
C LEU B 120 -0.76 -13.13 -0.31
N LYS B 121 -1.48 -14.15 -0.80
CA LYS B 121 -1.07 -15.55 -0.67
C LYS B 121 0.13 -15.97 -1.55
N PHE B 122 0.55 -15.09 -2.46
CA PHE B 122 1.82 -15.26 -3.20
C PHE B 122 2.95 -15.51 -2.22
N GLY B 123 2.88 -14.85 -1.05
CA GLY B 123 3.74 -15.14 0.08
C GLY B 123 4.88 -14.16 0.30
N SER B 124 5.05 -13.20 -0.62
CA SER B 124 6.11 -12.20 -0.53
C SER B 124 5.64 -10.82 -0.95
N GLY B 125 5.69 -9.87 0.00
CA GLY B 125 5.32 -8.50 -0.22
C GLY B 125 6.42 -7.55 0.22
N TYR B 126 6.38 -6.31 -0.29
CA TYR B 126 7.32 -5.22 0.03
C TYR B 126 6.68 -4.27 1.04
N VAL B 127 7.41 -3.92 2.10
CA VAL B 127 7.04 -2.88 3.05
C VAL B 127 8.09 -1.79 3.03
N SER B 128 7.67 -0.54 3.24
CA SER B 128 8.54 0.62 3.14
C SER B 128 8.11 1.76 4.06
N GLY B 129 9.04 2.69 4.29
CA GLY B 129 8.79 3.87 5.10
C GLY B 129 10.05 4.53 5.61
N TRP B 130 9.88 5.65 6.31
CA TRP B 130 10.95 6.40 6.94
C TRP B 130 10.95 6.20 8.45
N GLY B 131 10.60 4.98 8.88
CA GLY B 131 10.63 4.60 10.28
C GLY B 131 12.05 4.45 10.79
N ARG B 132 12.19 4.00 12.04
CA ARG B 132 13.49 3.86 12.74
C ARG B 132 14.35 2.80 12.04
N VAL B 133 15.66 3.05 11.97
CA VAL B 133 16.63 2.12 11.36
C VAL B 133 16.96 0.99 12.32
N PHE B 134 17.09 1.33 13.62
CA PHE B 134 17.33 0.38 14.71
C PHE B 134 16.11 0.36 15.62
N HIS B 135 16.22 -0.39 16.73
CA HIS B 135 15.13 -0.52 17.71
C HIS B 135 14.77 0.84 18.33
N LYS B 136 15.78 1.55 18.83
CA LYS B 136 15.64 2.89 19.41
C LYS B 136 16.42 3.96 18.63
N GLY B 137 16.85 3.63 17.41
CA GLY B 137 17.58 4.55 16.54
C GLY B 137 16.67 5.64 16.00
N ARG B 138 17.25 6.55 15.22
CA ARG B 138 16.54 7.72 14.62
C ARG B 138 15.80 7.27 13.36
N SER B 139 14.88 8.12 12.87
CA SER B 139 14.13 7.89 11.65
C SER B 139 15.06 7.88 10.44
N ALA B 140 14.72 7.07 9.43
CA ALA B 140 15.52 6.95 8.21
C ALA B 140 15.54 8.27 7.45
N LEU B 141 16.72 8.59 6.89
CA LEU B 141 16.89 9.75 6.01
C LEU B 141 16.29 9.45 4.64
N VAL B 142 16.77 8.36 4.03
CA VAL B 142 16.34 7.91 2.71
C VAL B 142 15.35 6.75 2.85
N LEU B 143 14.35 6.72 1.97
CA LEU B 143 13.28 5.71 1.97
C LEU B 143 13.87 4.29 2.02
N GLN B 144 13.45 3.53 3.03
CA GLN B 144 13.82 2.12 3.19
C GLN B 144 12.70 1.23 2.69
N TYR B 145 13.07 0.03 2.21
CA TYR B 145 12.13 -1.03 1.77
C TYR B 145 12.68 -2.40 2.17
N LEU B 146 11.78 -3.38 2.33
CA LEU B 146 12.12 -4.72 2.78
C LEU B 146 11.12 -5.74 2.26
N ARG B 147 11.64 -6.86 1.75
CA ARG B 147 10.85 -8.05 1.34
C ARG B 147 10.56 -8.88 2.60
N VAL B 148 9.29 -9.01 2.98
CA VAL B 148 8.88 -9.78 4.16
C VAL B 148 8.00 -10.96 3.75
N PRO B 149 8.33 -12.20 4.19
CA PRO B 149 7.53 -13.37 3.83
C PRO B 149 6.24 -13.46 4.65
N LEU B 150 5.20 -14.05 4.06
CA LEU B 150 3.92 -14.28 4.73
C LEU B 150 4.05 -15.43 5.74
N VAL B 151 3.59 -15.19 6.98
CA VAL B 151 3.61 -16.17 8.05
C VAL B 151 2.21 -16.77 8.21
N ASP B 152 2.16 -18.09 8.47
CA ASP B 152 0.90 -18.83 8.61
C ASP B 152 0.17 -18.49 9.91
N ARG B 153 -1.09 -18.95 10.01
CA ARG B 153 -2.04 -18.63 11.13
C ARG B 153 -1.39 -19.02 12.46
N ALA B 154 -1.10 -20.31 12.63
CA ALA B 154 -0.63 -20.88 13.89
C ALA B 154 0.63 -20.18 14.36
N THR B 155 1.64 -20.17 13.50
CA THR B 155 2.95 -19.62 13.79
C THR B 155 2.87 -18.20 14.37
N CYS B 156 2.02 -17.36 13.76
CA CYS B 156 1.85 -15.99 14.22
C CYS B 156 1.07 -15.88 15.52
N LEU B 157 0.01 -16.68 15.65
CA LEU B 157 -0.86 -16.68 16.84
C LEU B 157 -0.11 -16.82 18.17
N ARG B 158 1.14 -17.30 18.12
CA ARG B 158 2.07 -17.37 19.29
C ARG B 158 2.48 -15.94 19.66
N SER B 159 1.57 -15.21 20.33
CA SER B 159 1.78 -13.81 20.71
C SER B 159 0.71 -13.33 21.68
N THR B 163 -4.59 -12.56 17.77
CA THR B 163 -4.82 -11.58 16.72
C THR B 163 -6.23 -11.72 16.15
N ILE B 164 -6.93 -10.58 15.99
CA ILE B 164 -8.28 -10.53 15.43
C ILE B 164 -8.29 -11.15 14.02
N TYR B 165 -7.13 -11.10 13.36
CA TYR B 165 -6.73 -11.98 12.23
C TYR B 165 -7.66 -11.82 11.02
N ASN B 166 -8.96 -12.14 11.16
CA ASN B 166 -9.91 -12.02 10.07
C ASN B 166 -9.55 -10.87 9.12
N ASN B 167 -9.26 -9.70 9.71
CA ASN B 167 -8.84 -8.51 8.97
C ASN B 167 -7.36 -8.12 9.20
N MET B 168 -6.54 -9.12 9.57
CA MET B 168 -5.11 -8.92 9.89
C MET B 168 -4.26 -10.13 9.48
N PHE B 169 -2.98 -9.89 9.24
CA PHE B 169 -2.02 -10.96 8.93
C PHE B 169 -0.62 -10.62 9.43
N CYS B 170 0.29 -11.60 9.35
CA CYS B 170 1.64 -11.49 9.88
C CYS B 170 2.69 -11.78 8.83
N ALA B 171 3.84 -11.10 8.94
CA ALA B 171 4.96 -11.24 8.02
C ALA B 171 6.24 -10.74 8.66
N GLY B 172 7.38 -11.26 8.18
CA GLY B 172 8.70 -10.89 8.67
C GLY B 172 9.45 -12.07 9.24
N ASP B 179 12.08 -6.08 9.95
CA ASP B 179 10.75 -5.78 10.49
C ASP B 179 10.42 -4.29 10.38
N SER B 180 9.12 -4.00 10.22
CA SER B 180 8.61 -2.63 10.27
C SER B 180 8.80 -2.08 11.68
N CYS B 181 9.05 -0.77 11.76
CA CYS B 181 9.33 -0.11 13.04
C CYS B 181 8.51 1.16 13.19
N GLN B 182 8.74 1.89 14.29
CA GLN B 182 8.01 3.11 14.61
C GLN B 182 8.28 4.17 13.53
N GLY B 183 7.19 4.68 12.94
CA GLY B 183 7.24 5.63 11.84
C GLY B 183 6.77 5.05 10.52
N ASP B 184 6.83 3.72 10.40
CA ASP B 184 6.38 2.99 9.21
C ASP B 184 4.87 2.76 9.18
N ALA B 185 4.22 2.85 10.34
CA ALA B 185 2.79 2.60 10.49
C ALA B 185 1.98 3.40 9.48
N GLY B 186 0.98 2.74 8.89
CA GLY B 186 0.15 3.32 7.85
C GLY B 186 0.70 3.14 6.45
N GLY B 187 1.97 2.73 6.34
CA GLY B 187 2.63 2.53 5.08
C GLY B 187 2.13 1.28 4.35
N PRO B 188 2.48 1.13 3.06
CA PRO B 188 1.97 0.01 2.25
C PRO B 188 2.71 -1.32 2.45
N HIS B 189 1.95 -2.41 2.59
CA HIS B 189 2.42 -3.75 2.28
C HIS B 189 1.94 -4.02 0.86
N VAL B 190 2.88 -4.28 -0.05
CA VAL B 190 2.62 -4.35 -1.47
C VAL B 190 3.12 -5.66 -2.06
N THR B 191 2.35 -6.22 -2.99
CA THR B 191 2.73 -7.41 -3.76
C THR B 191 2.87 -7.04 -5.24
N GLU B 192 4.01 -7.40 -5.82
CA GLU B 192 4.31 -7.14 -7.22
C GLU B 192 3.97 -8.36 -8.07
N VAL B 193 3.08 -8.17 -9.05
CA VAL B 193 2.67 -9.23 -9.96
C VAL B 193 3.03 -8.78 -11.38
N GLU B 194 3.96 -9.52 -12.00
CA GLU B 194 4.38 -9.28 -13.38
C GLU B 194 4.73 -7.81 -13.63
N GLY B 195 5.44 -7.21 -12.67
CA GLY B 195 5.91 -5.84 -12.78
C GLY B 195 4.93 -4.74 -12.41
N THR B 196 3.75 -5.13 -11.89
CA THR B 196 2.73 -4.19 -11.43
C THR B 196 2.38 -4.47 -9.96
N SER B 197 2.49 -3.42 -9.13
CA SER B 197 2.35 -3.54 -7.68
C SER B 197 0.93 -3.30 -7.20
N PHE B 198 0.43 -4.22 -6.37
CA PHE B 198 -0.91 -4.16 -5.78
C PHE B 198 -0.83 -4.07 -4.26
N LEU B 199 -1.71 -3.25 -3.68
CA LEU B 199 -1.78 -3.06 -2.24
C LEU B 199 -2.44 -4.28 -1.60
N THR B 200 -1.71 -4.96 -0.72
CA THR B 200 -2.16 -6.17 -0.05
C THR B 200 -2.28 -6.04 1.49
N GLY B 201 -1.79 -4.93 2.04
CA GLY B 201 -1.88 -4.66 3.47
C GLY B 201 -1.40 -3.29 3.89
N ILE B 202 -1.81 -2.85 5.09
CA ILE B 202 -1.31 -1.65 5.74
C ILE B 202 -0.49 -2.07 6.97
N ILE B 203 0.66 -1.42 7.15
CA ILE B 203 1.52 -1.63 8.30
C ILE B 203 0.78 -1.13 9.54
N SER B 204 0.56 -2.03 10.50
CA SER B 204 -0.07 -1.68 11.77
C SER B 204 0.99 -1.42 12.83
N TRP B 205 1.86 -2.41 13.05
CA TRP B 205 2.99 -2.28 13.98
C TRP B 205 3.97 -3.46 13.90
N GLY B 206 5.17 -3.24 14.45
CA GLY B 206 6.19 -4.25 14.62
C GLY B 206 6.72 -4.35 16.05
N GLU B 207 6.84 -3.21 16.73
CA GLU B 207 7.38 -3.07 18.10
C GLU B 207 8.80 -3.60 18.22
N GLU B 208 8.96 -4.92 18.22
CA GLU B 208 10.25 -5.59 18.34
C GLU B 208 10.96 -5.57 16.98
N CYS B 209 11.51 -4.41 16.63
CA CYS B 209 12.20 -4.19 15.37
C CYS B 209 13.56 -4.89 15.37
N TYR B 215 7.10 -11.12 14.88
CA TYR B 215 6.75 -10.79 13.47
C TYR B 215 6.02 -9.44 13.40
N GLY B 216 6.00 -8.82 12.22
CA GLY B 216 5.24 -7.62 11.96
C GLY B 216 3.79 -7.98 11.70
N ILE B 217 2.87 -7.21 12.31
CA ILE B 217 1.43 -7.41 12.18
C ILE B 217 0.88 -6.36 11.22
N TYR B 218 -0.04 -6.80 10.34
CA TYR B 218 -0.55 -6.01 9.19
C TYR B 218 -2.08 -6.13 9.10
N THR B 219 -2.72 -5.11 8.54
CA THR B 219 -4.14 -5.10 8.22
C THR B 219 -4.36 -5.68 6.82
N LYS B 220 -5.29 -6.64 6.71
CA LYS B 220 -5.69 -7.22 5.43
C LYS B 220 -6.49 -6.20 4.64
N VAL B 221 -5.89 -5.68 3.54
CA VAL B 221 -6.54 -4.71 2.68
C VAL B 221 -7.79 -5.29 1.98
N SER B 222 -7.72 -6.57 1.61
CA SER B 222 -8.80 -7.26 0.88
C SER B 222 -10.19 -6.95 1.44
N ARG B 223 -10.31 -6.93 2.77
CA ARG B 223 -11.59 -6.80 3.52
C ARG B 223 -12.06 -5.33 3.59
N TYR B 224 -11.27 -4.38 3.08
CA TYR B 224 -11.61 -2.93 3.08
C TYR B 224 -11.60 -2.35 1.66
N VAL B 225 -11.39 -3.18 0.63
CA VAL B 225 -11.33 -2.74 -0.76
C VAL B 225 -12.56 -1.94 -1.17
N ASN B 226 -13.73 -2.55 -1.00
CA ASN B 226 -14.99 -1.93 -1.40
C ASN B 226 -15.20 -0.58 -0.70
N TRP B 227 -14.92 -0.56 0.60
CA TRP B 227 -14.96 0.66 1.41
C TRP B 227 -13.98 1.72 0.87
N ILE B 228 -12.78 1.29 0.47
CA ILE B 228 -11.77 2.17 -0.10
C ILE B 228 -12.26 2.78 -1.42
N LYS B 229 -12.67 1.91 -2.35
CA LYS B 229 -13.13 2.34 -3.67
C LYS B 229 -14.28 3.34 -3.56
N GLU B 230 -15.26 3.01 -2.72
CA GLU B 230 -16.45 3.85 -2.49
C GLU B 230 -16.09 5.25 -2.01
N LYS B 231 -15.33 5.32 -0.92
CA LYS B 231 -15.00 6.59 -0.26
C LYS B 231 -14.02 7.45 -1.05
N THR B 232 -13.25 6.83 -1.95
CA THR B 232 -12.23 7.52 -2.75
C THR B 232 -12.68 7.80 -4.20
N LYS B 233 -13.98 7.62 -4.47
CA LYS B 233 -14.58 7.95 -5.76
C LYS B 233 -14.27 9.41 -6.13
N LEU B 234 -13.75 9.60 -7.34
CA LEU B 234 -13.48 10.93 -7.89
C LEU B 234 -14.70 11.35 -8.72
N THR B 235 -15.13 12.61 -8.54
CA THR B 235 -16.30 13.16 -9.22
C THR B 235 -16.10 14.62 -9.63
CA CA C . 13.06 15.63 0.06
#